data_5A7E
#
_entry.id   5A7E
#
_cell.length_a   45.742
_cell.length_b   56.406
_cell.length_c   59.173
_cell.angle_alpha   75.67
_cell.angle_beta   73.03
_cell.angle_gamma   76.49
#
_symmetry.space_group_name_H-M   'P 1'
#
loop_
_entity.id
_entity.type
_entity.pdbx_description
1 polymer 'CORIOLOPSIS GALLICA LACCASE'
2 branched beta-D-mannopyranose-(4-4)-2-acetamido-2-deoxy-beta-D-glucopyranose-(1-4)-2-acetamido-2-deoxy-beta-D-glucopyranose
3 branched alpha-D-mannopyranose-(3-3)-[alpha-D-mannopyranose-(1-6)]beta-D-mannopyranose-(1-4)-2-acetamido-2-deoxy-beta-D-glucopyranose-(1-4)-2-acetamido-2-deoxy-beta-D-glucopyranose
4 branched beta-D-glucopyranose-(1-2)-beta-D-glucopyranose
5 non-polymer 'COPPER (II) ION'
6 non-polymer 'ACETATE ION'
7 water water
#
_entity_poly.entity_id   1
_entity_poly.type   'polypeptide(L)'
_entity_poly.pdbx_seq_one_letter_code
;AIGPVADLTISNGAVSPDGFSRQAILVNDVFPSPLITGNKGDRFQLNVIDNMTNHTMLKSTSIHWHGFFQHGTNWADGPA
FVNQCPISTGHAFLYDFQVPDQAGTFWYHSHLSTQYCDGLRGPIVVYDPNDPHKSLYDVDDDSTVITLADWYHLAAKVGA
PVPTADATLINGLGRSSSTLAADLAVITVTKGKRYRFRLVSLSCDPNYTFSIDGHSLTVIEADSVNLKPHTVDSLQIFAA
QRYSFVLNADQDVDNYWIRALPNSGTQNFAGGTNSAILRYDGAAPVEPTTSQTPSTNPLVESALTTLEGTAAPGSPTPGG
VDLALNMAFGFAGGNFTINGASFTPPTVPVLLQILSGAQSAADLLPAGSVYSLPANADIEISLPATAAAPGFPHPFHLHG
HIFAVVRSAGSSTYNYANPVYRDVVSTGAPGDNVTIRFRTDNPGPWFLHCHIDFHLEAGFAVVMAEDIPDVAATNPVPQA
WSDLCPTYDALSPDDQ
;
_entity_poly.pdbx_strand_id   A
#
# COMPACT_ATOMS: atom_id res chain seq x y z
N ALA A 1 20.65 -0.95 1.76
CA ALA A 1 19.69 -1.43 0.81
C ALA A 1 20.01 -0.87 -0.55
N ILE A 2 19.44 -1.46 -1.58
CA ILE A 2 19.62 -0.95 -2.92
C ILE A 2 18.90 0.36 -3.10
N GLY A 3 19.28 1.12 -4.11
CA GLY A 3 18.66 2.41 -4.40
C GLY A 3 19.54 3.57 -4.04
N PRO A 4 19.25 4.74 -4.57
CA PRO A 4 18.09 5.07 -5.39
C PRO A 4 18.18 4.74 -6.89
N VAL A 5 19.33 4.26 -7.31
CA VAL A 5 19.55 3.83 -8.67
C VAL A 5 19.77 2.33 -8.64
N ALA A 6 18.91 1.62 -9.32
CA ALA A 6 19.01 0.19 -9.33
C ALA A 6 18.27 -0.51 -10.43
N ASP A 7 18.71 -1.70 -10.68
CA ASP A 7 18.03 -2.55 -11.58
C ASP A 7 17.11 -3.44 -10.74
N LEU A 8 15.89 -3.68 -11.18
CA LEU A 8 14.97 -4.58 -10.53
C LEU A 8 14.60 -5.62 -11.57
N THR A 9 15.19 -6.79 -11.46
CA THR A 9 14.94 -7.87 -12.41
C THR A 9 13.82 -8.77 -11.91
N ILE A 10 12.77 -8.88 -12.68
CA ILE A 10 11.61 -9.63 -12.28
C ILE A 10 11.60 -10.99 -12.97
N SER A 11 11.44 -12.05 -12.18
CA SER A 11 11.45 -13.40 -12.69
C SER A 11 10.54 -14.31 -11.88
N ASN A 12 10.44 -15.56 -12.28
CA ASN A 12 9.63 -16.50 -11.57
C ASN A 12 10.50 -17.56 -10.92
N GLY A 13 10.05 -18.09 -9.81
CA GLY A 13 10.79 -19.14 -9.13
C GLY A 13 10.04 -19.71 -7.96
N ALA A 14 10.54 -20.79 -7.40
CA ALA A 14 9.89 -21.37 -6.26
C ALA A 14 10.26 -20.67 -4.99
N VAL A 15 9.29 -20.51 -4.10
CA VAL A 15 9.49 -19.89 -2.80
C VAL A 15 8.83 -20.73 -1.72
N SER A 16 9.26 -20.52 -0.50
N SER A 16 9.25 -20.56 -0.49
N SER A 16 9.26 -20.55 -0.49
CA SER A 16 8.73 -21.25 0.61
CA SER A 16 8.59 -21.22 0.62
CA SER A 16 8.73 -21.27 0.67
C SER A 16 8.64 -20.47 1.94
C SER A 16 8.62 -20.46 1.93
C SER A 16 8.64 -20.46 1.96
N PRO A 17 7.93 -19.35 1.96
CA PRO A 17 8.07 -18.45 3.09
C PRO A 17 7.42 -18.95 4.35
N ASP A 18 6.52 -19.91 4.23
CA ASP A 18 5.83 -20.53 5.34
C ASP A 18 6.06 -22.02 5.35
N GLY A 19 7.08 -22.46 4.65
CA GLY A 19 7.38 -23.87 4.62
C GLY A 19 6.68 -24.66 3.55
N PHE A 20 5.86 -24.03 2.75
CA PHE A 20 5.15 -24.66 1.68
C PHE A 20 5.73 -24.13 0.38
N SER A 21 6.19 -24.98 -0.52
N SER A 21 6.19 -24.98 -0.52
N SER A 21 6.25 -24.91 -0.55
CA SER A 21 6.80 -24.55 -1.75
CA SER A 21 6.80 -24.55 -1.75
CA SER A 21 6.86 -24.48 -1.79
C SER A 21 5.81 -24.26 -2.89
C SER A 21 5.81 -24.26 -2.89
C SER A 21 5.87 -24.19 -2.93
N ARG A 22 5.97 -23.10 -3.53
CA ARG A 22 5.10 -22.72 -4.61
C ARG A 22 5.80 -21.76 -5.55
N GLN A 23 5.35 -21.68 -6.78
CA GLN A 23 5.91 -20.75 -7.72
C GLN A 23 5.41 -19.36 -7.38
N ALA A 24 6.28 -18.39 -7.58
CA ALA A 24 5.95 -17.01 -7.27
C ALA A 24 6.80 -16.05 -8.09
N ILE A 25 6.73 -14.77 -7.77
CA ILE A 25 7.48 -13.75 -8.45
C ILE A 25 8.69 -13.32 -7.61
N LEU A 26 9.85 -13.36 -8.22
CA LEU A 26 11.07 -12.95 -7.61
C LEU A 26 11.52 -11.60 -8.13
N VAL A 27 12.23 -10.84 -7.30
CA VAL A 27 12.78 -9.55 -7.68
C VAL A 27 14.25 -9.63 -7.31
N ASN A 28 15.14 -9.51 -8.27
CA ASN A 28 16.57 -9.70 -8.05
C ASN A 28 16.84 -11.05 -7.40
N ASP A 29 16.14 -12.01 -7.93
N ASP A 29 16.14 -12.03 -7.93
CA ASP A 29 16.31 -13.41 -7.55
CA ASP A 29 16.31 -13.42 -7.52
C ASP A 29 15.93 -13.73 -6.12
C ASP A 29 15.91 -13.74 -6.12
N VAL A 30 15.15 -12.86 -5.48
CA VAL A 30 14.77 -13.14 -4.12
C VAL A 30 13.32 -12.93 -3.84
N PHE A 31 12.86 -13.57 -2.78
CA PHE A 31 11.54 -13.43 -2.21
C PHE A 31 11.74 -13.36 -0.71
N PRO A 32 11.15 -12.41 -0.03
CA PRO A 32 10.29 -11.37 -0.57
C PRO A 32 11.10 -10.29 -1.29
N SER A 33 10.42 -9.43 -2.00
CA SER A 33 11.06 -8.40 -2.78
C SER A 33 11.95 -7.52 -1.89
N PRO A 34 13.07 -7.06 -2.41
CA PRO A 34 14.00 -6.31 -1.60
C PRO A 34 13.64 -4.91 -1.21
N LEU A 35 14.14 -4.50 -0.08
CA LEU A 35 14.00 -3.15 0.37
C LEU A 35 14.77 -2.19 -0.54
N ILE A 36 14.16 -1.08 -0.88
CA ILE A 36 14.78 -0.03 -1.62
C ILE A 36 14.83 1.23 -0.75
N THR A 37 15.96 1.89 -0.68
CA THR A 37 16.00 3.09 0.10
C THR A 37 16.65 4.26 -0.61
N GLY A 38 16.39 5.45 -0.12
CA GLY A 38 16.98 6.66 -0.59
C GLY A 38 16.88 7.73 0.49
N ASN A 39 17.23 8.95 0.12
CA ASN A 39 17.14 10.06 1.03
C ASN A 39 16.31 11.19 0.44
N LYS A 40 15.73 12.00 1.29
CA LYS A 40 14.92 13.11 0.85
C LYS A 40 15.67 13.89 -0.23
N GLY A 41 14.96 14.24 -1.27
CA GLY A 41 15.56 14.95 -2.37
C GLY A 41 16.10 14.06 -3.46
N ASP A 42 16.13 12.77 -3.26
CA ASP A 42 16.70 11.91 -4.27
C ASP A 42 15.90 11.80 -5.55
N ARG A 43 16.63 11.52 -6.60
CA ARG A 43 16.08 11.14 -7.85
C ARG A 43 16.17 9.61 -7.88
N PHE A 44 15.06 8.94 -8.10
CA PHE A 44 15.07 7.51 -8.19
C PHE A 44 15.15 7.10 -9.67
N GLN A 45 16.01 6.13 -9.96
CA GLN A 45 16.15 5.59 -11.32
C GLN A 45 16.09 4.09 -11.20
N LEU A 46 14.90 3.54 -11.34
CA LEU A 46 14.66 2.14 -11.15
C LEU A 46 14.34 1.47 -12.45
N ASN A 47 15.26 0.68 -12.92
CA ASN A 47 15.10 0.00 -14.19
C ASN A 47 14.50 -1.38 -13.98
N VAL A 48 13.25 -1.53 -14.39
CA VAL A 48 12.52 -2.79 -14.23
C VAL A 48 12.72 -3.64 -15.47
N ILE A 49 13.38 -4.77 -15.26
CA ILE A 49 13.74 -5.70 -16.31
C ILE A 49 12.81 -6.91 -16.16
N ASP A 50 11.88 -7.07 -17.06
CA ASP A 50 10.91 -8.15 -16.95
C ASP A 50 11.32 -9.41 -17.65
N ASN A 51 11.70 -10.43 -16.91
CA ASN A 51 12.09 -11.73 -17.45
C ASN A 51 11.12 -12.82 -17.03
N MET A 52 9.89 -12.50 -16.75
CA MET A 52 8.92 -13.52 -16.31
C MET A 52 8.42 -14.38 -17.44
N THR A 53 8.26 -15.66 -17.16
CA THR A 53 7.78 -16.64 -18.13
C THR A 53 6.46 -17.32 -17.80
N ASN A 54 5.93 -17.05 -16.63
CA ASN A 54 4.73 -17.68 -16.18
C ASN A 54 3.48 -16.89 -16.54
N HIS A 55 2.65 -17.40 -17.44
CA HIS A 55 1.47 -16.71 -17.85
C HIS A 55 0.37 -16.65 -16.79
N THR A 56 0.30 -17.66 -15.94
CA THR A 56 -0.72 -17.70 -14.90
C THR A 56 -0.54 -16.55 -13.94
N MET A 57 0.68 -16.14 -13.71
CA MET A 57 0.96 -15.03 -12.81
C MET A 57 1.21 -13.73 -13.60
N LEU A 58 1.06 -13.81 -14.91
CA LEU A 58 1.24 -12.74 -15.88
C LEU A 58 2.68 -12.48 -16.23
N LYS A 59 3.02 -12.53 -17.50
CA LYS A 59 4.38 -12.30 -17.90
C LYS A 59 4.70 -10.82 -17.97
N SER A 60 3.71 -9.98 -18.15
CA SER A 60 3.85 -8.53 -18.21
C SER A 60 3.83 -7.97 -16.79
N THR A 61 4.27 -6.75 -16.64
CA THR A 61 4.25 -6.12 -15.33
C THR A 61 4.24 -4.60 -15.40
N SER A 62 3.87 -4.01 -14.28
N SER A 62 3.86 -3.99 -14.29
CA SER A 62 3.86 -2.56 -14.17
CA SER A 62 3.95 -2.53 -14.16
C SER A 62 4.05 -2.29 -12.70
C SER A 62 4.10 -2.26 -12.67
N ILE A 63 4.90 -1.36 -12.31
N ILE A 63 4.95 -1.34 -12.28
CA ILE A 63 5.16 -1.10 -10.91
CA ILE A 63 5.19 -1.10 -10.89
C ILE A 63 4.73 0.27 -10.42
C ILE A 63 4.76 0.27 -10.40
N HIS A 64 3.95 0.25 -9.34
CA HIS A 64 3.60 1.43 -8.64
C HIS A 64 4.48 1.70 -7.44
N TRP A 65 4.90 2.93 -7.25
CA TRP A 65 5.72 3.41 -6.14
C TRP A 65 4.72 4.12 -5.20
N HIS A 66 4.24 3.33 -4.24
CA HIS A 66 3.15 3.77 -3.44
C HIS A 66 3.44 4.85 -2.49
N GLY A 67 2.75 5.95 -2.67
CA GLY A 67 2.88 7.09 -1.81
C GLY A 67 3.61 8.28 -2.38
N PHE A 68 4.31 8.09 -3.46
CA PHE A 68 5.02 9.17 -4.13
C PHE A 68 4.09 10.02 -5.01
N PHE A 69 4.26 11.34 -4.94
CA PHE A 69 3.38 12.24 -5.67
C PHE A 69 3.55 12.19 -7.18
N GLN A 70 4.74 11.92 -7.66
CA GLN A 70 4.98 11.86 -9.08
C GLN A 70 4.59 13.12 -9.83
N HIS A 71 4.89 14.23 -9.25
CA HIS A 71 4.57 15.47 -9.92
C HIS A 71 5.42 15.66 -11.14
N GLY A 72 4.80 15.78 -12.30
CA GLY A 72 5.52 15.94 -13.53
C GLY A 72 5.91 14.62 -14.16
N THR A 73 5.69 13.56 -13.42
CA THR A 73 6.01 12.22 -13.88
C THR A 73 4.85 11.25 -13.74
N ASN A 74 3.68 11.69 -14.16
CA ASN A 74 2.50 10.88 -14.06
C ASN A 74 2.66 9.54 -14.80
N TRP A 75 3.47 9.56 -15.81
CA TRP A 75 3.72 8.41 -16.63
C TRP A 75 4.45 7.31 -15.89
N ALA A 76 5.01 7.62 -14.75
CA ALA A 76 5.78 6.65 -13.99
C ALA A 76 5.06 6.13 -12.78
N ASP A 77 3.82 6.53 -12.61
CA ASP A 77 3.03 6.13 -11.45
C ASP A 77 2.76 4.65 -11.33
N GLY A 78 2.55 3.97 -12.43
CA GLY A 78 2.38 2.54 -12.41
C GLY A 78 1.09 1.82 -12.78
N PRO A 79 -0.07 2.33 -12.46
CA PRO A 79 -1.27 1.58 -12.77
C PRO A 79 -1.44 1.24 -14.23
N ALA A 80 -1.54 -0.04 -14.51
CA ALA A 80 -1.72 -0.50 -15.86
C ALA A 80 -2.99 -0.01 -16.45
N PHE A 81 -2.91 0.52 -17.65
CA PHE A 81 -4.05 1.03 -18.37
C PHE A 81 -4.59 2.35 -17.88
N VAL A 82 -3.95 2.90 -16.88
CA VAL A 82 -4.26 4.21 -16.41
C VAL A 82 -3.07 5.13 -16.72
N ASN A 83 -1.92 4.80 -16.21
CA ASN A 83 -0.73 5.61 -16.38
C ASN A 83 0.29 5.08 -17.40
N GLN A 84 0.18 3.82 -17.74
CA GLN A 84 1.04 3.16 -18.72
C GLN A 84 0.39 1.89 -19.28
N CYS A 85 0.93 1.40 -20.38
N CYS A 85 0.93 1.40 -20.38
CA CYS A 85 0.75 0.00 -20.73
CA CYS A 85 0.75 0.00 -20.73
C CYS A 85 1.77 -0.83 -20.00
C CYS A 85 1.77 -0.83 -20.00
N PRO A 86 1.46 -2.09 -19.78
CA PRO A 86 2.43 -2.90 -19.08
C PRO A 86 3.74 -3.10 -19.83
N ILE A 87 4.78 -3.38 -19.07
CA ILE A 87 6.08 -3.73 -19.60
C ILE A 87 5.91 -5.18 -20.08
N SER A 88 6.48 -5.49 -21.22
CA SER A 88 6.38 -6.81 -21.79
C SER A 88 7.58 -7.70 -21.42
N THR A 89 7.38 -9.01 -21.36
CA THR A 89 8.49 -9.87 -21.01
C THR A 89 9.57 -9.80 -22.08
N GLY A 90 10.80 -9.83 -21.65
CA GLY A 90 11.95 -9.69 -22.51
C GLY A 90 12.33 -8.23 -22.68
N HIS A 91 11.59 -7.33 -22.06
CA HIS A 91 11.88 -5.93 -22.17
C HIS A 91 12.15 -5.27 -20.80
N ALA A 92 12.63 -4.06 -20.82
CA ALA A 92 12.91 -3.32 -19.62
C ALA A 92 12.32 -1.94 -19.74
N PHE A 93 12.10 -1.28 -18.61
CA PHE A 93 11.54 0.05 -18.58
C PHE A 93 12.06 0.83 -17.38
N LEU A 94 12.60 1.99 -17.66
CA LEU A 94 13.12 2.85 -16.62
C LEU A 94 12.13 3.80 -15.99
N TYR A 95 11.94 3.67 -14.69
CA TYR A 95 11.11 4.58 -13.95
C TYR A 95 12.10 5.62 -13.36
N ASP A 96 11.99 6.86 -13.78
CA ASP A 96 12.89 7.94 -13.41
C ASP A 96 12.07 9.06 -12.84
N PHE A 97 12.14 9.30 -11.56
CA PHE A 97 11.35 10.29 -10.91
C PHE A 97 12.07 10.93 -9.71
N GLN A 98 11.58 12.06 -9.25
N GLN A 98 11.53 12.03 -9.23
CA GLN A 98 12.22 12.72 -8.14
CA GLN A 98 12.16 12.82 -8.21
C GLN A 98 11.30 12.87 -6.99
C GLN A 98 11.29 12.84 -7.00
N VAL A 99 11.82 12.91 -5.79
CA VAL A 99 11.03 13.02 -4.57
C VAL A 99 11.60 14.24 -3.82
N PRO A 100 11.16 15.39 -4.19
CA PRO A 100 11.76 16.55 -3.54
C PRO A 100 11.20 16.94 -2.20
N ASP A 101 9.95 16.62 -1.92
CA ASP A 101 9.24 17.09 -0.77
C ASP A 101 8.59 16.03 0.08
N GLN A 102 9.12 14.83 0.03
CA GLN A 102 8.58 13.78 0.82
C GLN A 102 9.69 12.94 1.43
N ALA A 103 9.35 12.36 2.55
CA ALA A 103 10.21 11.43 3.25
C ALA A 103 9.32 10.57 4.12
N GLY A 104 9.77 9.36 4.39
CA GLY A 104 8.95 8.50 5.16
C GLY A 104 9.02 7.07 4.68
N THR A 105 7.97 6.33 4.96
CA THR A 105 7.88 4.93 4.65
C THR A 105 6.92 4.68 3.49
N PHE A 106 7.35 3.96 2.47
CA PHE A 106 6.57 3.74 1.29
C PHE A 106 6.67 2.24 0.92
N TRP A 107 6.21 1.91 -0.27
CA TRP A 107 6.37 0.57 -0.78
C TRP A 107 6.15 0.51 -2.26
N TYR A 108 6.57 -0.58 -2.89
CA TYR A 108 6.33 -0.75 -4.28
C TYR A 108 5.62 -2.05 -4.54
N HIS A 109 4.85 -2.09 -5.60
CA HIS A 109 4.15 -3.29 -5.94
C HIS A 109 3.68 -3.30 -7.40
N SER A 110 3.49 -4.50 -7.91
CA SER A 110 2.92 -4.57 -9.22
C SER A 110 1.53 -3.93 -9.17
N HIS A 111 1.18 -3.21 -10.23
CA HIS A 111 -0.10 -2.61 -10.37
C HIS A 111 -0.78 -3.07 -11.64
N LEU A 112 -0.61 -4.34 -11.89
CA LEU A 112 -1.23 -5.04 -13.01
C LEU A 112 -2.08 -6.17 -12.44
N SER A 113 -3.38 -6.10 -12.63
CA SER A 113 -4.27 -7.14 -12.16
C SER A 113 -4.00 -7.46 -10.70
N THR A 114 -3.97 -8.72 -10.32
CA THR A 114 -3.70 -9.11 -8.94
C THR A 114 -2.29 -9.63 -8.79
N GLN A 115 -1.42 -9.21 -9.67
CA GLN A 115 -0.09 -9.71 -9.66
C GLN A 115 0.72 -9.48 -8.41
N TYR A 116 0.50 -8.40 -7.69
CA TYR A 116 1.31 -8.21 -6.50
C TYR A 116 1.12 -9.28 -5.43
N CYS A 117 -0.03 -9.89 -5.49
N CYS A 117 -0.03 -9.90 -5.49
CA CYS A 117 -0.29 -10.98 -4.60
CA CYS A 117 -0.31 -10.98 -4.60
C CYS A 117 0.62 -12.20 -4.81
C CYS A 117 0.60 -12.20 -4.81
N ASP A 118 1.09 -12.34 -6.03
CA ASP A 118 1.99 -13.40 -6.39
C ASP A 118 3.44 -13.14 -6.02
N GLY A 119 3.67 -12.02 -5.35
CA GLY A 119 5.00 -11.76 -4.83
C GLY A 119 5.76 -10.50 -5.12
N LEU A 120 5.29 -9.71 -6.07
CA LEU A 120 5.96 -8.48 -6.46
C LEU A 120 5.52 -7.31 -5.57
N ARG A 121 6.17 -7.21 -4.43
CA ARG A 121 5.87 -6.20 -3.46
C ARG A 121 6.97 -6.07 -2.42
N GLY A 122 7.45 -4.87 -2.18
CA GLY A 122 8.46 -4.64 -1.18
C GLY A 122 8.43 -3.24 -0.58
N PRO A 123 9.17 -3.07 0.51
CA PRO A 123 9.23 -1.82 1.21
C PRO A 123 10.20 -0.80 0.61
N ILE A 124 9.93 0.48 0.85
CA ILE A 124 10.78 1.57 0.48
C ILE A 124 10.90 2.53 1.67
N VAL A 125 12.08 3.01 1.91
CA VAL A 125 12.22 4.01 2.91
C VAL A 125 12.99 5.20 2.30
N VAL A 126 12.48 6.40 2.49
CA VAL A 126 13.14 7.64 2.11
C VAL A 126 13.49 8.34 3.43
N TYR A 127 14.76 8.31 3.77
CA TYR A 127 15.20 8.90 5.03
C TYR A 127 15.29 10.43 4.98
N ASP A 128 15.18 11.04 6.14
CA ASP A 128 15.28 12.51 6.27
C ASP A 128 16.43 12.83 7.25
N PRO A 129 17.52 13.35 6.74
CA PRO A 129 18.63 13.72 7.62
C PRO A 129 18.22 14.80 8.61
N ASN A 130 17.20 15.55 8.33
CA ASN A 130 16.69 16.53 9.25
C ASN A 130 15.35 16.14 9.86
N ASP A 131 15.07 14.85 9.90
N ASP A 131 15.08 14.85 9.89
CA ASP A 131 13.79 14.36 10.40
CA ASP A 131 13.81 14.36 10.41
C ASP A 131 13.42 15.09 11.69
C ASP A 131 13.43 15.12 11.67
N PRO A 132 12.21 15.60 11.69
CA PRO A 132 11.82 16.23 12.94
C PRO A 132 11.69 15.30 14.12
N HIS A 133 11.69 14.00 13.94
CA HIS A 133 11.57 13.08 15.04
C HIS A 133 12.88 12.34 15.35
N LYS A 134 13.96 12.70 14.72
CA LYS A 134 15.21 12.01 14.92
C LYS A 134 15.69 11.91 16.35
N SER A 135 15.31 12.85 17.19
CA SER A 135 15.74 12.78 18.58
C SER A 135 15.00 11.74 19.40
N LEU A 136 14.00 11.12 18.83
CA LEU A 136 13.25 10.13 19.58
C LEU A 136 13.75 8.73 19.53
N TYR A 137 14.79 8.46 18.75
CA TYR A 137 15.28 7.15 18.62
C TYR A 137 16.77 7.09 18.32
N ASP A 138 17.37 5.94 18.49
CA ASP A 138 18.77 5.75 18.28
C ASP A 138 19.09 4.95 17.02
N VAL A 139 18.18 4.10 16.61
CA VAL A 139 18.40 3.20 15.50
C VAL A 139 17.25 3.28 14.51
N ASP A 140 17.55 3.46 13.26
CA ASP A 140 16.60 3.51 12.15
C ASP A 140 17.36 3.02 10.91
N ASP A 141 17.26 1.77 10.59
CA ASP A 141 18.00 1.17 9.50
C ASP A 141 17.28 0.02 8.80
N ASP A 142 17.94 -0.67 7.91
CA ASP A 142 17.29 -1.74 7.16
C ASP A 142 16.64 -2.77 8.08
N SER A 143 17.24 -2.97 9.25
N SER A 143 17.23 -2.98 9.24
CA SER A 143 16.81 -3.94 10.22
CA SER A 143 16.77 -3.99 10.14
C SER A 143 15.58 -3.54 10.99
C SER A 143 15.60 -3.54 11.01
N THR A 144 15.17 -2.29 10.87
CA THR A 144 14.00 -1.77 11.56
C THR A 144 12.76 -1.66 10.68
N VAL A 145 12.87 -2.16 9.47
CA VAL A 145 11.72 -2.21 8.61
C VAL A 145 11.00 -3.53 8.88
N ILE A 146 9.68 -3.48 9.11
CA ILE A 146 8.90 -4.66 9.38
C ILE A 146 7.77 -4.70 8.34
N THR A 147 7.71 -5.76 7.56
CA THR A 147 6.65 -5.87 6.65
C THR A 147 5.61 -6.92 7.09
N LEU A 148 4.36 -6.70 6.73
CA LEU A 148 3.28 -7.60 6.97
C LEU A 148 2.70 -7.98 5.63
N ALA A 149 2.49 -9.26 5.40
CA ALA A 149 1.93 -9.71 4.15
C ALA A 149 1.07 -10.94 4.27
N ASP A 150 0.05 -11.00 3.40
CA ASP A 150 -0.81 -12.16 3.34
C ASP A 150 -0.22 -13.13 2.31
N TRP A 151 -0.26 -14.41 2.62
CA TRP A 151 0.29 -15.41 1.70
C TRP A 151 -0.71 -16.52 1.40
N TYR A 152 -0.68 -17.01 0.18
CA TYR A 152 -1.62 -17.99 -0.33
C TYR A 152 -0.89 -19.18 -0.94
N HIS A 153 -1.42 -20.37 -0.72
CA HIS A 153 -0.82 -21.56 -1.29
C HIS A 153 -1.18 -21.77 -2.74
N LEU A 154 -2.26 -21.15 -3.19
CA LEU A 154 -2.66 -21.14 -4.58
C LEU A 154 -2.48 -19.72 -5.15
N ALA A 155 -2.05 -19.60 -6.39
CA ALA A 155 -1.80 -18.32 -6.99
C ALA A 155 -3.05 -17.49 -7.16
N ALA A 156 -2.90 -16.21 -7.33
CA ALA A 156 -4.02 -15.34 -7.46
C ALA A 156 -5.06 -15.74 -8.48
N LYS A 157 -4.64 -16.23 -9.61
CA LYS A 157 -5.61 -16.63 -10.63
C LYS A 157 -5.98 -18.11 -10.56
N VAL A 158 -5.43 -18.81 -9.60
CA VAL A 158 -5.71 -20.23 -9.46
C VAL A 158 -6.74 -20.52 -8.38
N GLY A 159 -6.71 -19.77 -7.32
CA GLY A 159 -7.65 -19.95 -6.23
C GLY A 159 -8.95 -19.22 -6.43
N ALA A 160 -9.71 -19.05 -5.37
CA ALA A 160 -10.96 -18.33 -5.46
C ALA A 160 -10.77 -16.86 -5.84
N PRO A 161 -11.83 -16.22 -6.29
CA PRO A 161 -11.79 -14.81 -6.70
C PRO A 161 -11.40 -13.90 -5.54
N VAL A 162 -11.86 -14.19 -4.34
CA VAL A 162 -11.46 -13.50 -3.12
C VAL A 162 -10.99 -14.61 -2.17
N PRO A 163 -9.74 -14.99 -2.27
CA PRO A 163 -9.23 -16.07 -1.47
C PRO A 163 -8.98 -15.71 -0.03
N THR A 164 -8.77 -16.71 0.78
CA THR A 164 -8.49 -16.56 2.20
C THR A 164 -7.04 -16.93 2.40
N ALA A 165 -6.29 -16.13 3.12
CA ALA A 165 -4.88 -16.37 3.28
C ALA A 165 -4.54 -17.59 4.08
N ASP A 166 -3.47 -18.25 3.74
CA ASP A 166 -3.00 -19.39 4.42
C ASP A 166 -1.95 -19.09 5.49
N ALA A 167 -1.36 -17.91 5.42
CA ALA A 167 -0.38 -17.48 6.39
C ALA A 167 -0.22 -15.97 6.35
N THR A 168 0.26 -15.44 7.44
CA THR A 168 0.66 -14.07 7.54
C THR A 168 2.20 -14.13 7.58
N LEU A 169 2.81 -13.32 6.75
CA LEU A 169 4.25 -13.27 6.75
C LEU A 169 4.71 -11.97 7.40
N ILE A 170 5.71 -12.05 8.26
CA ILE A 170 6.33 -10.88 8.89
C ILE A 170 7.78 -10.90 8.41
N ASN A 171 8.16 -9.88 7.70
CA ASN A 171 9.46 -9.85 7.08
C ASN A 171 9.65 -11.08 6.21
N GLY A 172 8.60 -11.51 5.58
CA GLY A 172 8.67 -12.63 4.65
C GLY A 172 8.63 -14.05 5.22
N LEU A 173 8.39 -14.15 6.49
CA LEU A 173 8.35 -15.44 7.14
C LEU A 173 7.13 -15.59 8.05
N GLY A 174 6.64 -16.80 8.14
CA GLY A 174 5.57 -17.10 9.03
C GLY A 174 5.13 -18.53 8.99
N ARG A 175 4.25 -18.90 9.88
CA ARG A 175 3.75 -20.26 9.92
C ARG A 175 2.35 -20.34 9.34
N SER A 176 2.01 -21.48 8.80
N SER A 176 1.99 -21.49 8.82
CA SER A 176 0.64 -21.74 8.40
CA SER A 176 0.66 -21.79 8.32
C SER A 176 0.15 -22.88 9.24
C SER A 176 0.04 -22.85 9.17
N SER A 177 -1.15 -23.06 9.26
N SER A 177 -1.25 -23.07 9.19
CA SER A 177 -1.74 -24.15 10.01
CA SER A 177 -1.84 -24.15 9.98
C SER A 177 -1.22 -25.51 9.56
C SER A 177 -1.54 -25.54 9.34
N SER A 178 -0.70 -25.50 8.33
CA SER A 178 -0.18 -26.65 7.67
C SER A 178 1.29 -26.88 7.85
N THR A 179 1.92 -25.97 8.61
CA THR A 179 3.35 -25.88 8.72
C THR A 179 4.11 -25.78 10.08
N LEU A 180 3.52 -25.07 10.99
CA LEU A 180 3.78 -25.01 12.42
C LEU A 180 5.16 -25.16 12.91
N ALA A 181 6.09 -25.73 12.16
N ALA A 181 6.09 -25.73 12.16
CA ALA A 181 7.47 -25.72 12.52
CA ALA A 181 7.47 -25.72 12.52
C ALA A 181 8.29 -24.85 11.59
C ALA A 181 8.29 -24.85 11.59
N ALA A 182 7.61 -24.12 10.72
CA ALA A 182 8.31 -23.15 9.90
C ALA A 182 9.05 -22.06 10.66
N ASP A 183 10.13 -21.57 10.11
CA ASP A 183 10.88 -20.55 10.75
C ASP A 183 10.10 -19.22 10.89
N LEU A 184 10.31 -18.55 11.98
CA LEU A 184 9.72 -17.26 12.24
C LEU A 184 10.74 -16.15 12.10
N ALA A 185 10.25 -14.97 11.78
CA ALA A 185 11.09 -13.84 11.71
C ALA A 185 11.54 -13.41 13.10
N VAL A 186 12.77 -12.95 13.19
CA VAL A 186 13.32 -12.47 14.42
C VAL A 186 13.81 -11.06 14.26
N ILE A 187 13.37 -10.17 15.13
CA ILE A 187 13.77 -8.80 15.14
C ILE A 187 14.56 -8.60 16.43
N THR A 188 15.81 -8.21 16.30
CA THR A 188 16.67 -8.09 17.45
C THR A 188 16.84 -6.67 17.94
N VAL A 189 16.84 -6.48 19.25
CA VAL A 189 17.04 -5.18 19.85
C VAL A 189 18.02 -5.31 21.02
N THR A 190 18.59 -4.20 21.42
CA THR A 190 19.50 -4.16 22.55
C THR A 190 18.86 -3.36 23.64
N LYS A 191 18.78 -3.94 24.83
CA LYS A 191 18.23 -3.27 25.97
C LYS A 191 18.82 -1.89 26.15
N GLY A 192 17.98 -0.92 26.35
CA GLY A 192 18.37 0.45 26.54
C GLY A 192 18.29 1.34 25.33
N LYS A 193 18.16 0.74 24.18
CA LYS A 193 18.08 1.52 22.98
C LYS A 193 16.64 1.77 22.48
N ARG A 194 16.46 2.84 21.73
CA ARG A 194 15.19 3.23 21.15
C ARG A 194 15.24 3.02 19.63
N TYR A 195 14.24 2.38 19.09
CA TYR A 195 14.22 2.06 17.69
C TYR A 195 13.07 2.67 16.93
N ARG A 196 13.32 3.12 15.72
CA ARG A 196 12.23 3.54 14.88
C ARG A 196 11.90 2.33 14.00
N PHE A 197 10.79 1.70 14.26
CA PHE A 197 10.33 0.57 13.46
C PHE A 197 9.38 1.12 12.42
N ARG A 198 9.54 0.70 11.18
CA ARG A 198 8.73 1.16 10.10
C ARG A 198 7.91 -0.02 9.63
N LEU A 199 6.63 0.03 9.96
CA LEU A 199 5.67 -1.01 9.68
C LEU A 199 4.91 -0.76 8.37
N VAL A 200 5.07 -1.68 7.45
CA VAL A 200 4.50 -1.57 6.16
C VAL A 200 3.56 -2.71 5.86
N SER A 201 2.32 -2.40 5.55
CA SER A 201 1.44 -3.44 5.09
C SER A 201 1.57 -3.66 3.57
N LEU A 202 1.99 -4.85 3.18
CA LEU A 202 2.07 -5.19 1.77
C LEU A 202 0.87 -6.08 1.44
N SER A 203 -0.17 -6.02 2.25
CA SER A 203 -1.34 -6.88 2.09
C SER A 203 -2.14 -6.68 0.80
N CYS A 204 -2.59 -7.82 0.32
N CYS A 204 -2.59 -7.82 0.32
N CYS A 204 -2.60 -7.82 0.31
CA CYS A 204 -3.56 -7.83 -0.76
CA CYS A 204 -3.56 -7.83 -0.76
CA CYS A 204 -3.58 -7.82 -0.76
C CYS A 204 -5.02 -7.73 -0.28
C CYS A 204 -5.02 -7.73 -0.28
C CYS A 204 -5.02 -7.69 -0.28
N ASP A 205 -5.23 -7.95 1.01
CA ASP A 205 -6.59 -7.99 1.54
C ASP A 205 -6.69 -7.77 3.05
N PRO A 206 -6.24 -8.67 3.86
CA PRO A 206 -6.48 -8.42 5.27
C PRO A 206 -5.88 -7.22 5.93
N ASN A 207 -6.56 -6.76 6.95
CA ASN A 207 -6.03 -5.79 7.84
C ASN A 207 -5.47 -6.55 9.05
N TYR A 208 -4.51 -5.97 9.72
CA TYR A 208 -3.86 -6.60 10.84
C TYR A 208 -3.90 -5.79 12.13
N THR A 209 -4.17 -6.46 13.22
CA THR A 209 -4.15 -5.81 14.51
C THR A 209 -2.80 -6.20 15.10
N PHE A 210 -1.91 -5.24 15.18
CA PHE A 210 -0.52 -5.38 15.56
C PHE A 210 -0.20 -4.98 16.97
N SER A 211 0.56 -5.81 17.62
CA SER A 211 0.99 -5.52 18.94
C SER A 211 2.26 -6.28 19.27
N ILE A 212 2.97 -5.83 20.30
CA ILE A 212 4.17 -6.49 20.76
C ILE A 212 4.02 -6.72 22.26
N ASP A 213 4.12 -7.96 22.69
CA ASP A 213 3.96 -8.27 24.08
C ASP A 213 4.91 -7.48 24.94
N GLY A 214 4.41 -6.97 26.03
CA GLY A 214 5.16 -6.19 26.98
C GLY A 214 5.65 -4.84 26.59
N HIS A 215 5.34 -4.36 25.38
CA HIS A 215 5.85 -3.11 24.90
C HIS A 215 4.76 -2.22 24.37
N SER A 216 4.84 -0.93 24.59
N SER A 216 4.84 -0.94 24.59
CA SER A 216 4.02 0.04 23.91
CA SER A 216 4.00 0.03 23.92
C SER A 216 4.70 0.65 22.72
C SER A 216 4.70 0.64 22.72
N LEU A 217 3.93 1.24 21.83
CA LEU A 217 4.43 1.73 20.56
C LEU A 217 4.12 3.21 20.45
N THR A 218 5.13 4.02 20.19
CA THR A 218 4.86 5.44 20.04
C THR A 218 4.81 5.78 18.53
N VAL A 219 3.62 5.97 18.04
CA VAL A 219 3.40 6.27 16.62
C VAL A 219 3.84 7.67 16.25
N ILE A 220 4.66 7.82 15.22
CA ILE A 220 5.17 9.10 14.79
C ILE A 220 5.00 9.43 13.31
N GLU A 221 4.53 8.45 12.54
CA GLU A 221 4.32 8.62 11.13
C GLU A 221 3.15 7.73 10.65
N ALA A 222 2.34 8.24 9.75
CA ALA A 222 1.30 7.47 9.10
C ALA A 222 1.41 7.79 7.62
N ASP A 223 1.53 6.76 6.81
CA ASP A 223 1.61 6.93 5.38
C ASP A 223 2.51 8.08 4.92
N SER A 224 3.73 8.08 5.39
N SER A 224 3.73 8.08 5.37
CA SER A 224 4.69 9.10 5.03
CA SER A 224 4.69 9.10 5.04
C SER A 224 4.36 10.53 5.50
C SER A 224 4.37 10.53 5.51
N VAL A 225 3.46 10.66 6.45
CA VAL A 225 3.15 11.95 7.05
C VAL A 225 3.59 11.99 8.51
N ASN A 226 4.40 12.96 8.89
CA ASN A 226 4.84 13.09 10.26
C ASN A 226 3.68 13.48 11.21
N LEU A 227 3.57 12.76 12.28
CA LEU A 227 2.55 12.96 13.27
C LEU A 227 3.10 13.58 14.56
N LYS A 228 2.25 14.12 15.39
N LYS A 228 2.24 14.12 15.39
CA LYS A 228 2.54 14.24 16.81
CA LYS A 228 2.53 14.26 16.80
C LYS A 228 2.65 12.86 17.44
C LYS A 228 2.65 12.87 17.43
N PRO A 229 3.67 12.65 18.24
CA PRO A 229 3.87 11.32 18.82
C PRO A 229 2.68 10.87 19.63
N HIS A 230 2.26 9.62 19.45
CA HIS A 230 1.08 9.10 20.11
C HIS A 230 1.34 7.69 20.53
N THR A 231 1.36 7.46 21.82
CA THR A 231 1.66 6.13 22.33
C THR A 231 0.41 5.27 22.41
N VAL A 232 0.53 4.05 21.91
CA VAL A 232 -0.53 3.07 21.91
C VAL A 232 -0.05 1.67 22.33
N ASP A 233 -0.96 0.78 22.62
CA ASP A 233 -0.54 -0.56 22.95
C ASP A 233 -0.89 -1.56 21.86
N SER A 234 -1.57 -1.08 20.83
CA SER A 234 -1.87 -1.87 19.67
C SER A 234 -2.33 -0.99 18.55
N LEU A 235 -2.25 -1.46 17.33
CA LEU A 235 -2.75 -0.69 16.23
C LEU A 235 -3.30 -1.57 15.13
N GLN A 236 -4.27 -1.06 14.41
CA GLN A 236 -4.85 -1.77 13.30
C GLN A 236 -4.30 -1.14 12.01
N ILE A 237 -3.71 -1.96 11.14
CA ILE A 237 -3.11 -1.46 9.93
C ILE A 237 -3.81 -2.11 8.73
N PHE A 238 -4.33 -1.28 7.85
CA PHE A 238 -5.06 -1.76 6.70
C PHE A 238 -4.13 -1.94 5.50
N ALA A 239 -4.63 -2.63 4.52
CA ALA A 239 -3.84 -2.82 3.37
C ALA A 239 -3.24 -1.57 2.82
N ALA A 240 -1.93 -1.62 2.59
CA ALA A 240 -1.17 -0.54 1.99
C ALA A 240 -0.78 0.61 2.89
N GLN A 241 -1.23 0.58 4.10
CA GLN A 241 -0.86 1.63 5.05
C GLN A 241 0.54 1.41 5.60
N ARG A 242 1.10 2.44 6.17
CA ARG A 242 2.38 2.39 6.83
C ARG A 242 2.33 3.20 8.13
N TYR A 243 3.05 2.72 9.09
CA TYR A 243 3.21 3.48 10.31
C TYR A 243 4.64 3.39 10.79
N SER A 244 5.18 4.46 11.32
CA SER A 244 6.44 4.35 12.01
C SER A 244 6.12 4.47 13.50
N PHE A 245 6.78 3.67 14.30
CA PHE A 245 6.60 3.75 15.72
C PHE A 245 7.95 3.59 16.42
N VAL A 246 8.07 4.25 17.55
CA VAL A 246 9.26 4.10 18.31
C VAL A 246 9.03 3.03 19.38
N LEU A 247 9.99 2.16 19.49
CA LEU A 247 9.95 1.17 20.54
C LEU A 247 11.17 1.41 21.45
N ASN A 248 10.92 1.52 22.72
CA ASN A 248 11.98 1.63 23.71
C ASN A 248 12.24 0.23 24.26
N ALA A 249 13.39 -0.33 24.01
CA ALA A 249 13.67 -1.66 24.47
C ALA A 249 14.09 -1.61 25.94
N ASP A 250 13.12 -1.38 26.80
CA ASP A 250 13.43 -1.24 28.20
C ASP A 250 12.87 -2.31 29.12
N GLN A 251 12.40 -3.40 28.54
CA GLN A 251 11.88 -4.48 29.34
C GLN A 251 13.02 -5.41 29.72
N ASP A 252 12.73 -6.52 30.36
CA ASP A 252 13.78 -7.42 30.69
C ASP A 252 14.31 -8.13 29.45
N VAL A 253 15.57 -8.49 29.45
CA VAL A 253 16.17 -9.25 28.37
C VAL A 253 15.41 -10.56 28.23
N ASP A 254 14.75 -10.76 27.10
CA ASP A 254 13.94 -11.92 26.87
C ASP A 254 13.43 -11.95 25.43
N ASN A 255 12.58 -12.89 25.13
CA ASN A 255 11.91 -13.04 23.84
C ASN A 255 10.43 -12.66 24.01
N TYR A 256 9.94 -11.78 23.16
CA TYR A 256 8.57 -11.32 23.23
C TYR A 256 7.83 -11.58 21.90
N TRP A 257 6.59 -11.98 21.94
CA TRP A 257 5.88 -12.18 20.74
C TRP A 257 5.49 -10.88 20.05
N ILE A 258 5.66 -10.84 18.74
CA ILE A 258 5.22 -9.79 17.82
C ILE A 258 3.97 -10.41 17.18
N ARG A 259 2.84 -9.73 17.32
CA ARG A 259 1.61 -10.30 16.87
C ARG A 259 0.94 -9.50 15.77
N ALA A 260 0.45 -10.15 14.73
CA ALA A 260 -0.29 -9.47 13.65
C ALA A 260 -1.57 -10.27 13.32
N LEU A 261 -2.67 -9.96 13.98
CA LEU A 261 -3.91 -10.68 13.79
C LEU A 261 -4.72 -10.23 12.59
N PRO A 262 -4.97 -11.10 11.63
CA PRO A 262 -5.74 -10.73 10.46
C PRO A 262 -7.25 -10.69 10.74
N ASN A 263 -7.97 -9.99 9.91
CA ASN A 263 -9.41 -9.89 10.07
C ASN A 263 -10.18 -11.00 9.38
N SER A 264 -9.46 -11.90 8.77
CA SER A 264 -10.01 -13.07 8.12
C SER A 264 -8.98 -14.20 8.14
N GLY A 265 -9.38 -15.38 7.76
CA GLY A 265 -8.45 -16.49 7.79
C GLY A 265 -8.31 -17.02 9.20
N THR A 266 -7.12 -17.43 9.56
CA THR A 266 -6.83 -17.95 10.88
C THR A 266 -6.70 -16.77 11.85
N GLN A 267 -7.65 -16.63 12.75
N GLN A 267 -7.65 -16.63 12.74
CA GLN A 267 -7.73 -15.49 13.64
CA GLN A 267 -7.73 -15.49 13.64
C GLN A 267 -7.37 -15.84 15.06
C GLN A 267 -7.37 -15.84 15.04
N ASN A 268 -6.15 -16.30 15.19
N ASN A 268 -6.15 -16.30 15.18
CA ASN A 268 -5.57 -16.63 16.45
CA ASN A 268 -5.57 -16.63 16.45
C ASN A 268 -4.05 -16.79 16.31
C ASN A 268 -4.05 -16.79 16.31
N PHE A 269 -3.37 -17.10 17.40
CA PHE A 269 -1.93 -17.28 17.35
C PHE A 269 -1.47 -18.67 17.72
N ALA A 270 -2.36 -19.61 17.60
CA ALA A 270 -2.01 -20.95 17.98
C ALA A 270 -0.85 -21.51 17.23
N GLY A 271 0.08 -22.11 17.92
CA GLY A 271 1.22 -22.67 17.27
C GLY A 271 2.20 -21.66 16.72
N GLY A 272 1.99 -20.40 16.99
CA GLY A 272 2.89 -19.41 16.48
C GLY A 272 2.54 -18.83 15.14
N THR A 273 1.36 -19.08 14.65
CA THR A 273 0.91 -18.47 13.43
C THR A 273 0.64 -16.97 13.72
N ASN A 274 0.71 -16.18 12.66
CA ASN A 274 0.48 -14.73 12.74
C ASN A 274 1.43 -14.03 13.72
N SER A 275 2.63 -14.53 13.84
CA SER A 275 3.57 -14.03 14.79
C SER A 275 5.02 -13.97 14.34
N ALA A 276 5.79 -13.18 15.07
CA ALA A 276 7.23 -13.06 14.91
C ALA A 276 7.84 -12.90 16.28
N ILE A 277 9.15 -12.80 16.34
CA ILE A 277 9.81 -12.70 17.60
C ILE A 277 10.63 -11.44 17.79
N LEU A 278 10.46 -10.78 18.93
CA LEU A 278 11.25 -9.63 19.32
C LEU A 278 12.26 -10.23 20.31
N ARG A 279 13.51 -10.26 19.92
CA ARG A 279 14.58 -10.85 20.69
C ARG A 279 15.60 -9.87 21.22
N TYR A 280 15.71 -9.76 22.52
CA TYR A 280 16.69 -8.89 23.08
C TYR A 280 18.09 -9.54 23.05
N ASP A 281 19.10 -8.75 22.77
CA ASP A 281 20.46 -9.28 22.77
C ASP A 281 20.72 -9.90 24.12
N GLY A 282 21.14 -11.13 24.12
CA GLY A 282 21.38 -11.80 25.37
C GLY A 282 20.39 -12.91 25.65
N ALA A 283 19.21 -12.85 25.07
CA ALA A 283 18.21 -13.84 25.26
C ALA A 283 18.52 -15.11 24.49
N ALA A 284 18.14 -16.25 25.01
CA ALA A 284 18.37 -17.51 24.33
C ALA A 284 17.57 -17.54 23.05
N PRO A 285 18.05 -18.23 22.05
CA PRO A 285 17.35 -18.32 20.78
C PRO A 285 16.20 -19.30 20.78
N VAL A 286 15.16 -18.98 21.51
CA VAL A 286 13.97 -19.78 21.57
C VAL A 286 12.71 -18.94 21.32
N GLU A 287 11.56 -19.58 21.22
CA GLU A 287 10.34 -18.87 21.02
C GLU A 287 9.91 -18.17 22.28
N PRO A 288 9.14 -17.12 22.14
CA PRO A 288 8.62 -16.46 23.31
C PRO A 288 7.55 -17.32 23.99
N THR A 289 7.36 -17.02 25.24
CA THR A 289 6.33 -17.65 26.03
C THR A 289 5.56 -16.55 26.75
N THR A 290 5.63 -15.34 26.22
CA THR A 290 4.93 -14.24 26.81
C THR A 290 3.44 -14.30 26.50
N SER A 291 2.67 -13.55 27.22
CA SER A 291 1.26 -13.51 26.99
C SER A 291 0.82 -12.14 26.55
N GLN A 292 -0.26 -12.13 25.82
CA GLN A 292 -0.82 -10.92 25.35
C GLN A 292 -1.74 -10.40 26.41
N THR A 293 -1.65 -9.14 26.74
CA THR A 293 -2.55 -8.55 27.68
C THR A 293 -3.58 -7.78 26.87
N PRO A 294 -4.76 -7.56 27.38
CA PRO A 294 -5.77 -6.84 26.61
C PRO A 294 -5.29 -5.47 26.20
N SER A 295 -5.65 -5.04 25.00
CA SER A 295 -5.27 -3.73 24.58
C SER A 295 -6.24 -2.76 25.19
N THR A 296 -5.74 -1.86 26.01
CA THR A 296 -6.53 -0.87 26.65
C THR A 296 -6.30 0.50 26.05
N ASN A 297 -5.28 0.61 25.21
CA ASN A 297 -4.98 1.88 24.58
C ASN A 297 -4.68 1.69 23.09
N PRO A 298 -5.67 1.25 22.37
CA PRO A 298 -5.44 1.05 20.94
C PRO A 298 -5.37 2.35 20.16
N LEU A 299 -4.73 2.28 19.01
CA LEU A 299 -4.70 3.44 18.16
C LEU A 299 -6.12 3.75 17.66
N VAL A 300 -6.48 5.04 17.68
CA VAL A 300 -7.75 5.51 17.20
C VAL A 300 -7.38 6.60 16.17
N GLU A 301 -7.72 6.40 14.92
CA GLU A 301 -7.33 7.34 13.88
C GLU A 301 -7.72 8.79 14.13
N SER A 302 -8.90 9.00 14.64
CA SER A 302 -9.35 10.33 14.89
C SER A 302 -8.54 11.06 15.95
N ALA A 303 -7.76 10.34 16.72
CA ALA A 303 -6.94 10.96 17.73
C ALA A 303 -5.54 11.30 17.24
N LEU A 304 -5.19 10.87 16.06
CA LEU A 304 -3.92 11.21 15.49
C LEU A 304 -3.98 12.59 14.86
N THR A 305 -2.87 13.29 14.85
CA THR A 305 -2.77 14.60 14.24
C THR A 305 -1.41 14.81 13.59
N THR A 306 -1.30 15.69 12.61
CA THR A 306 -0.02 15.94 12.00
C THR A 306 0.88 16.66 12.98
N LEU A 307 2.17 16.56 12.77
CA LEU A 307 3.15 17.17 13.62
C LEU A 307 2.94 18.67 13.81
N GLU A 308 2.51 19.34 12.77
CA GLU A 308 2.30 20.77 12.81
C GLU A 308 0.86 21.19 12.99
N GLY A 309 -0.03 20.24 13.15
CA GLY A 309 -1.43 20.51 13.34
C GLY A 309 -2.08 21.20 12.17
N THR A 310 -1.63 20.89 10.98
CA THR A 310 -2.12 21.44 9.75
C THR A 310 -3.63 21.31 9.58
N ALA A 311 -4.31 22.38 9.19
CA ALA A 311 -5.74 22.28 9.00
C ALA A 311 -6.09 21.58 7.71
N ALA A 312 -7.31 21.14 7.61
CA ALA A 312 -7.74 20.54 6.40
C ALA A 312 -7.91 21.62 5.37
N PRO A 313 -7.75 21.34 4.12
CA PRO A 313 -8.03 22.36 3.11
C PRO A 313 -9.50 22.80 3.13
N GLY A 314 -9.79 24.02 2.71
CA GLY A 314 -11.15 24.46 2.70
C GLY A 314 -11.65 25.17 3.92
N SER A 315 -12.96 25.30 4.03
CA SER A 315 -13.60 25.94 5.18
C SER A 315 -14.19 24.90 6.09
N PRO A 316 -14.16 25.18 7.37
CA PRO A 316 -14.61 24.23 8.36
C PRO A 316 -16.07 23.92 8.45
N THR A 317 -16.66 23.43 7.38
CA THR A 317 -18.05 23.07 7.34
C THR A 317 -18.30 22.03 6.24
N PRO A 318 -19.30 21.19 6.35
CA PRO A 318 -19.55 20.19 5.31
C PRO A 318 -19.81 20.82 3.99
N GLY A 319 -19.09 20.37 2.97
CA GLY A 319 -19.23 20.91 1.64
C GLY A 319 -18.48 22.20 1.47
N GLY A 320 -17.69 22.58 2.45
CA GLY A 320 -16.92 23.80 2.43
C GLY A 320 -15.71 23.76 1.54
N VAL A 321 -15.92 23.37 0.31
CA VAL A 321 -14.86 23.25 -0.66
C VAL A 321 -15.30 23.69 -2.05
N ASP A 322 -14.40 23.61 -3.00
CA ASP A 322 -14.71 23.96 -4.37
C ASP A 322 -15.49 22.92 -5.12
N LEU A 323 -15.24 21.65 -4.83
CA LEU A 323 -15.94 20.57 -5.46
C LEU A 323 -16.13 19.41 -4.51
N ALA A 324 -17.35 19.03 -4.23
CA ALA A 324 -17.63 17.92 -3.37
C ALA A 324 -18.13 16.77 -4.19
N LEU A 325 -17.59 15.59 -3.94
CA LEU A 325 -18.01 14.40 -4.59
C LEU A 325 -18.37 13.34 -3.60
N ASN A 326 -19.36 12.54 -3.90
CA ASN A 326 -19.75 11.45 -3.07
C ASN A 326 -19.65 10.16 -3.88
N MET A 327 -19.02 9.16 -3.32
CA MET A 327 -18.86 7.92 -3.99
C MET A 327 -19.79 6.88 -3.42
N ALA A 328 -20.76 6.47 -4.20
CA ALA A 328 -21.73 5.49 -3.76
C ALA A 328 -21.37 4.09 -4.19
N PHE A 329 -21.05 3.24 -3.26
CA PHE A 329 -20.62 1.91 -3.61
C PHE A 329 -21.76 0.96 -3.88
N GLY A 330 -21.49 -0.06 -4.65
CA GLY A 330 -22.44 -1.09 -4.97
C GLY A 330 -21.76 -2.35 -5.48
N PHE A 331 -22.53 -3.39 -5.75
CA PHE A 331 -22.01 -4.65 -6.21
C PHE A 331 -23.13 -5.36 -6.93
N ALA A 332 -22.82 -5.79 -8.13
N ALA A 332 -22.82 -5.79 -8.13
N ALA A 332 -22.82 -5.79 -8.13
N ALA A 332 -22.82 -5.79 -8.13
CA ALA A 332 -23.81 -6.33 -9.04
CA ALA A 332 -23.81 -6.33 -9.04
CA ALA A 332 -23.81 -6.33 -9.05
CA ALA A 332 -23.81 -6.33 -9.04
C ALA A 332 -23.10 -7.14 -10.10
C ALA A 332 -23.10 -7.14 -10.10
C ALA A 332 -23.10 -7.14 -10.10
C ALA A 332 -23.10 -7.14 -10.10
N GLY A 333 -23.70 -8.28 -10.43
CA GLY A 333 -23.07 -8.86 -11.59
C GLY A 333 -21.70 -9.38 -11.25
N GLY A 334 -21.41 -9.56 -9.98
CA GLY A 334 -20.11 -10.04 -9.55
C GLY A 334 -19.05 -8.94 -9.58
N ASN A 335 -19.44 -7.71 -9.88
CA ASN A 335 -18.52 -6.58 -9.94
C ASN A 335 -18.87 -5.45 -9.00
N PHE A 336 -17.88 -4.76 -8.48
CA PHE A 336 -18.14 -3.63 -7.63
C PHE A 336 -18.45 -2.44 -8.48
N THR A 337 -19.19 -1.49 -7.95
CA THR A 337 -19.52 -0.28 -8.65
C THR A 337 -19.35 0.93 -7.80
N ILE A 338 -19.07 2.07 -8.40
CA ILE A 338 -18.96 3.34 -7.74
C ILE A 338 -19.84 4.26 -8.56
N ASN A 339 -20.89 4.78 -7.95
CA ASN A 339 -21.81 5.62 -8.66
C ASN A 339 -22.34 4.91 -9.91
N GLY A 340 -22.57 3.63 -9.81
CA GLY A 340 -23.11 2.82 -10.85
C GLY A 340 -22.17 2.22 -11.86
N ALA A 341 -20.95 2.68 -11.87
CA ALA A 341 -19.97 2.18 -12.82
C ALA A 341 -18.93 1.25 -12.25
N SER A 342 -18.56 0.26 -13.00
CA SER A 342 -17.53 -0.67 -12.62
C SER A 342 -16.30 -0.39 -13.49
N PHE A 343 -15.14 -0.26 -12.89
CA PHE A 343 -13.97 -0.01 -13.69
C PHE A 343 -13.51 -1.23 -14.45
N THR A 344 -13.17 -1.05 -15.70
CA THR A 344 -12.60 -2.09 -16.52
C THR A 344 -11.46 -1.37 -17.26
N PRO A 345 -10.31 -1.97 -17.37
CA PRO A 345 -9.20 -1.31 -18.01
C PRO A 345 -9.43 -1.02 -19.48
N PRO A 346 -9.13 0.18 -19.91
CA PRO A 346 -9.31 0.49 -21.31
C PRO A 346 -8.15 -0.03 -22.15
N THR A 347 -8.31 -0.12 -23.44
CA THR A 347 -7.25 -0.56 -24.34
C THR A 347 -6.15 0.45 -24.43
N VAL A 348 -6.53 1.72 -24.44
CA VAL A 348 -5.59 2.79 -24.47
C VAL A 348 -5.48 3.39 -23.06
N PRO A 349 -4.30 3.43 -22.48
CA PRO A 349 -4.14 3.98 -21.14
C PRO A 349 -4.71 5.36 -20.99
N VAL A 350 -5.36 5.63 -19.90
CA VAL A 350 -5.97 6.95 -19.72
C VAL A 350 -5.05 8.11 -20.01
N LEU A 351 -3.81 8.04 -19.58
CA LEU A 351 -2.87 9.11 -19.82
C LEU A 351 -2.68 9.32 -21.32
N LEU A 352 -2.48 8.24 -22.05
CA LEU A 352 -2.28 8.31 -23.50
C LEU A 352 -3.52 8.90 -24.18
N GLN A 353 -4.69 8.59 -23.65
CA GLN A 353 -5.91 9.15 -24.23
C GLN A 353 -5.91 10.67 -24.13
N ILE A 354 -5.46 11.15 -23.00
CA ILE A 354 -5.40 12.56 -22.77
C ILE A 354 -4.33 13.19 -23.67
N LEU A 355 -3.17 12.56 -23.75
CA LEU A 355 -2.13 13.08 -24.54
C LEU A 355 -2.53 13.11 -26.01
N SER A 356 -3.38 12.19 -26.40
CA SER A 356 -3.87 12.07 -27.76
C SER A 356 -5.04 12.98 -28.09
N GLY A 357 -5.43 13.87 -27.19
CA GLY A 357 -6.48 14.82 -27.46
C GLY A 357 -7.76 14.90 -26.65
N ALA A 358 -8.06 13.86 -25.86
CA ALA A 358 -9.27 13.89 -25.04
C ALA A 358 -9.18 15.05 -24.09
N GLN A 359 -10.22 15.85 -24.00
CA GLN A 359 -10.17 17.00 -23.14
C GLN A 359 -11.16 17.03 -21.99
N SER A 360 -12.05 16.06 -21.95
CA SER A 360 -13.03 16.02 -20.88
C SER A 360 -13.25 14.62 -20.33
N ALA A 361 -13.95 14.48 -19.23
CA ALA A 361 -14.19 13.19 -18.66
C ALA A 361 -15.10 12.37 -19.53
N ALA A 362 -15.98 13.03 -20.26
CA ALA A 362 -16.88 12.29 -21.12
C ALA A 362 -16.18 11.78 -22.34
N ASP A 363 -15.04 12.30 -22.67
CA ASP A 363 -14.28 11.80 -23.79
C ASP A 363 -13.37 10.62 -23.37
N LEU A 364 -13.23 10.40 -22.08
CA LEU A 364 -12.31 9.39 -21.62
C LEU A 364 -12.90 8.05 -21.30
N LEU A 365 -12.19 6.98 -21.62
CA LEU A 365 -12.67 5.65 -21.34
C LEU A 365 -11.88 5.10 -20.13
N PRO A 366 -12.47 4.25 -19.31
CA PRO A 366 -13.83 3.72 -19.44
C PRO A 366 -14.93 4.68 -19.02
N ALA A 367 -15.99 4.66 -19.80
CA ALA A 367 -17.06 5.55 -19.54
C ALA A 367 -17.70 5.41 -18.22
N GLY A 368 -17.93 6.52 -17.57
CA GLY A 368 -18.59 6.55 -16.29
C GLY A 368 -17.68 6.34 -15.09
N SER A 369 -16.43 6.04 -15.35
CA SER A 369 -15.49 5.80 -14.26
C SER A 369 -14.45 6.91 -14.09
N VAL A 370 -14.47 7.93 -14.91
CA VAL A 370 -13.49 9.00 -14.84
C VAL A 370 -14.11 10.31 -14.42
N TYR A 371 -13.49 11.02 -13.49
CA TYR A 371 -13.98 12.26 -12.95
C TYR A 371 -13.03 13.37 -13.22
N SER A 372 -13.51 14.46 -13.78
CA SER A 372 -12.66 15.57 -14.00
C SER A 372 -12.51 16.36 -12.74
N LEU A 373 -11.33 16.89 -12.48
CA LEU A 373 -11.13 17.70 -11.32
C LEU A 373 -10.52 19.01 -11.73
N PRO A 374 -10.97 20.10 -11.15
CA PRO A 374 -10.43 21.40 -11.46
C PRO A 374 -9.08 21.66 -10.84
N ALA A 375 -8.24 22.46 -11.45
CA ALA A 375 -6.95 22.77 -10.91
C ALA A 375 -7.00 23.73 -9.78
N ASN A 376 -6.01 23.70 -8.92
CA ASN A 376 -5.93 24.63 -7.83
C ASN A 376 -7.25 24.75 -7.10
N ALA A 377 -7.75 23.66 -6.61
N ALA A 377 -7.51 23.46 -6.99
CA ALA A 377 -9.00 23.67 -5.93
CA ALA A 377 -8.94 23.74 -5.97
C ALA A 377 -9.05 22.77 -4.72
C ALA A 377 -8.96 23.25 -4.68
N ASP A 378 -9.93 23.06 -3.79
CA ASP A 378 -10.11 22.23 -2.62
C ASP A 378 -11.15 21.19 -2.96
N ILE A 379 -10.88 19.94 -2.70
CA ILE A 379 -11.78 18.88 -3.00
C ILE A 379 -12.19 18.11 -1.76
N GLU A 380 -13.44 17.67 -1.70
CA GLU A 380 -13.92 16.84 -0.63
C GLU A 380 -14.53 15.60 -1.23
N ILE A 381 -14.15 14.44 -0.72
CA ILE A 381 -14.77 13.25 -1.19
C ILE A 381 -15.26 12.42 -0.01
N SER A 382 -16.52 12.02 -0.06
CA SER A 382 -17.14 11.21 0.94
C SER A 382 -17.29 9.78 0.41
N LEU A 383 -17.01 8.79 1.23
N LEU A 383 -17.28 8.74 1.24
CA LEU A 383 -17.05 7.40 0.84
CA LEU A 383 -17.09 7.38 0.76
C LEU A 383 -17.87 6.56 1.81
C LEU A 383 -17.94 6.39 1.56
N PRO A 384 -19.16 6.79 1.88
CA PRO A 384 -19.99 6.09 2.85
C PRO A 384 -20.01 4.58 2.78
N ALA A 385 -19.82 3.92 3.89
CA ALA A 385 -19.83 2.51 3.90
C ALA A 385 -21.22 1.94 3.69
N THR A 386 -21.30 0.80 3.09
CA THR A 386 -22.56 0.15 2.84
C THR A 386 -22.41 -1.35 2.69
N ALA A 387 -23.37 -2.11 3.15
CA ALA A 387 -23.33 -3.53 3.04
C ALA A 387 -23.53 -3.99 1.59
N ALA A 388 -23.94 -3.07 0.76
CA ALA A 388 -24.12 -3.29 -0.66
C ALA A 388 -22.76 -3.51 -1.35
N ALA A 389 -21.69 -3.30 -0.61
CA ALA A 389 -20.32 -3.52 -1.11
C ALA A 389 -19.68 -4.54 -0.17
N PRO A 390 -19.86 -5.77 -0.45
CA PRO A 390 -19.35 -6.83 0.41
C PRO A 390 -17.86 -6.79 0.63
N GLY A 391 -17.40 -7.34 1.72
CA GLY A 391 -15.99 -7.35 1.98
C GLY A 391 -15.48 -6.11 2.66
N PHE A 392 -16.36 -5.32 3.24
CA PHE A 392 -15.93 -4.15 3.97
C PHE A 392 -15.24 -4.58 5.27
N PRO A 393 -14.39 -3.77 5.90
CA PRO A 393 -14.05 -2.39 5.54
C PRO A 393 -13.06 -2.23 4.39
N HIS A 394 -13.39 -1.43 3.43
CA HIS A 394 -12.56 -1.22 2.27
C HIS A 394 -11.58 -0.07 2.48
N PRO A 395 -10.29 -0.33 2.34
CA PRO A 395 -9.29 0.71 2.51
C PRO A 395 -9.04 1.42 1.19
N PHE A 396 -9.54 2.61 1.06
CA PHE A 396 -9.39 3.38 -0.14
C PHE A 396 -8.09 4.17 -0.24
N HIS A 397 -7.58 4.22 -1.44
CA HIS A 397 -6.32 4.88 -1.72
C HIS A 397 -6.39 5.83 -2.88
N LEU A 398 -5.84 7.02 -2.73
CA LEU A 398 -5.78 7.98 -3.77
C LEU A 398 -4.33 8.17 -4.22
N HIS A 399 -4.07 8.00 -5.49
CA HIS A 399 -2.76 8.22 -6.02
C HIS A 399 -2.46 9.70 -6.21
N GLY A 400 -1.19 10.05 -6.26
CA GLY A 400 -0.70 11.39 -6.50
C GLY A 400 -0.91 12.42 -5.40
N HIS A 401 -1.49 12.00 -4.28
CA HIS A 401 -1.84 12.92 -3.20
C HIS A 401 -1.70 12.29 -1.82
N ILE A 402 -1.68 13.21 -0.90
N ILE A 402 -1.60 13.19 -0.88
CA ILE A 402 -1.95 12.94 0.46
CA ILE A 402 -1.96 12.93 0.49
C ILE A 402 -3.25 13.71 0.78
C ILE A 402 -3.26 13.69 0.78
N PHE A 403 -4.08 13.19 1.67
CA PHE A 403 -5.32 13.86 1.99
C PHE A 403 -5.56 13.94 3.50
N ALA A 404 -6.41 14.89 3.87
CA ALA A 404 -6.80 15.01 5.25
C ALA A 404 -8.00 14.13 5.45
N VAL A 405 -8.02 13.40 6.55
CA VAL A 405 -9.14 12.56 6.89
C VAL A 405 -10.03 13.31 7.90
N VAL A 406 -10.99 14.06 7.39
N VAL A 406 -10.98 14.05 7.37
CA VAL A 406 -11.78 14.92 8.23
CA VAL A 406 -11.79 14.91 8.20
C VAL A 406 -12.81 14.14 9.05
C VAL A 406 -12.75 14.09 9.07
N ARG A 407 -13.17 12.95 8.58
CA ARG A 407 -13.95 12.04 9.37
C ARG A 407 -13.47 10.61 9.16
N SER A 408 -13.11 9.95 10.24
CA SER A 408 -12.64 8.60 10.25
C SER A 408 -13.70 7.53 10.52
N ALA A 409 -13.35 6.29 10.28
CA ALA A 409 -14.25 5.20 10.52
C ALA A 409 -14.49 5.04 12.00
N GLY A 410 -15.68 4.67 12.37
CA GLY A 410 -16.06 4.49 13.73
C GLY A 410 -16.21 5.78 14.52
N SER A 411 -16.26 6.90 13.83
CA SER A 411 -16.35 8.20 14.45
C SER A 411 -17.44 9.02 13.77
N SER A 412 -18.17 9.82 14.53
CA SER A 412 -19.21 10.65 13.95
C SER A 412 -18.77 12.08 13.90
N THR A 413 -17.57 12.36 14.34
CA THR A 413 -17.11 13.71 14.31
C THR A 413 -16.35 14.14 13.07
N TYR A 414 -16.32 15.43 12.79
CA TYR A 414 -15.61 15.99 11.69
C TYR A 414 -14.53 16.88 12.28
N ASN A 415 -13.29 16.77 11.81
CA ASN A 415 -12.19 17.59 12.28
C ASN A 415 -11.54 18.33 11.14
N TYR A 416 -11.71 19.64 11.12
CA TYR A 416 -11.13 20.46 10.09
C TYR A 416 -9.93 21.19 10.58
N ALA A 417 -9.76 21.21 11.87
CA ALA A 417 -8.68 21.93 12.49
C ALA A 417 -7.31 21.29 12.50
N ASN A 418 -7.24 20.01 12.82
CA ASN A 418 -6.00 19.31 12.86
C ASN A 418 -6.15 17.81 12.62
N PRO A 419 -6.77 17.46 11.54
CA PRO A 419 -6.93 16.05 11.25
C PRO A 419 -5.65 15.36 10.77
N VAL A 420 -5.62 14.04 10.87
CA VAL A 420 -4.48 13.37 10.34
C VAL A 420 -4.53 13.50 8.82
N TYR A 421 -3.39 13.40 8.20
CA TYR A 421 -3.28 13.34 6.76
C TYR A 421 -2.65 11.97 6.47
N ARG A 422 -3.04 11.35 5.38
CA ARG A 422 -2.50 10.05 4.98
C ARG A 422 -2.83 9.73 3.53
N ASP A 423 -2.57 8.51 3.06
CA ASP A 423 -2.91 8.16 1.68
C ASP A 423 -3.79 6.93 1.48
N VAL A 424 -4.01 6.19 2.56
CA VAL A 424 -4.87 5.04 2.52
C VAL A 424 -5.78 5.13 3.75
N VAL A 425 -7.07 5.03 3.55
CA VAL A 425 -7.97 5.14 4.66
C VAL A 425 -9.08 4.09 4.68
N SER A 426 -9.33 3.50 5.82
CA SER A 426 -10.44 2.58 5.92
C SER A 426 -11.77 3.33 5.80
N THR A 427 -12.68 2.80 5.01
CA THR A 427 -14.00 3.42 4.87
C THR A 427 -14.97 2.81 5.87
N GLY A 428 -14.51 1.91 6.69
CA GLY A 428 -15.36 1.38 7.71
C GLY A 428 -16.54 0.52 7.42
N ALA A 429 -17.52 0.59 8.29
CA ALA A 429 -18.68 -0.24 8.21
C ALA A 429 -19.99 0.55 8.16
N PRO A 430 -21.09 -0.05 7.73
CA PRO A 430 -22.37 0.65 7.66
C PRO A 430 -22.61 1.57 8.83
N GLY A 431 -22.89 2.82 8.54
CA GLY A 431 -23.05 3.87 9.53
C GLY A 431 -21.94 4.89 9.42
N ASP A 432 -20.81 4.47 8.88
CA ASP A 432 -19.69 5.37 8.74
C ASP A 432 -19.82 6.27 7.51
N ASN A 433 -19.18 7.40 7.51
CA ASN A 433 -19.14 8.27 6.35
C ASN A 433 -17.76 8.92 6.29
N VAL A 434 -16.76 8.11 6.03
CA VAL A 434 -15.39 8.57 5.94
C VAL A 434 -15.32 9.65 4.87
N THR A 435 -14.71 10.76 5.22
CA THR A 435 -14.60 11.92 4.38
C THR A 435 -13.18 12.49 4.32
N ILE A 436 -12.69 12.79 3.13
CA ILE A 436 -11.35 13.28 2.96
C ILE A 436 -11.29 14.56 2.17
N ARG A 437 -10.22 15.31 2.35
CA ARG A 437 -10.04 16.54 1.61
C ARG A 437 -8.62 16.68 1.10
N PHE A 438 -8.46 17.25 -0.08
CA PHE A 438 -7.16 17.49 -0.64
C PHE A 438 -7.21 18.65 -1.63
N ARG A 439 -6.09 19.14 -2.04
CA ARG A 439 -6.04 20.22 -2.99
C ARG A 439 -5.50 19.68 -4.30
N THR A 440 -6.02 20.18 -5.41
CA THR A 440 -5.56 19.71 -6.68
C THR A 440 -4.37 20.48 -7.15
N ASP A 441 -3.18 20.01 -6.89
CA ASP A 441 -1.94 20.64 -7.26
C ASP A 441 -1.06 19.72 -8.10
N ASN A 442 -1.63 18.74 -8.76
CA ASN A 442 -0.83 17.74 -9.47
C ASN A 442 -1.54 17.24 -10.70
N PRO A 443 -1.33 17.89 -11.84
CA PRO A 443 -2.02 17.46 -13.04
C PRO A 443 -1.73 16.03 -13.52
N GLY A 444 -2.78 15.32 -13.84
CA GLY A 444 -2.75 13.98 -14.37
C GLY A 444 -3.90 13.11 -13.96
N PRO A 445 -4.02 11.93 -14.54
CA PRO A 445 -5.02 10.96 -14.15
C PRO A 445 -4.47 10.16 -12.96
N TRP A 446 -5.21 10.16 -11.88
CA TRP A 446 -4.83 9.48 -10.65
C TRP A 446 -5.89 8.47 -10.24
N PHE A 447 -5.46 7.26 -9.94
CA PHE A 447 -6.35 6.21 -9.53
C PHE A 447 -6.85 6.40 -8.10
N LEU A 448 -8.12 6.08 -7.86
CA LEU A 448 -8.78 6.13 -6.53
C LEU A 448 -9.52 4.81 -6.42
N HIS A 449 -9.09 3.95 -5.53
CA HIS A 449 -9.67 2.65 -5.46
C HIS A 449 -9.47 1.96 -4.13
N CYS A 450 -10.21 0.87 -3.96
CA CYS A 450 -10.03 0.02 -2.81
C CYS A 450 -8.70 -0.72 -2.98
N HIS A 451 -7.89 -0.74 -1.94
CA HIS A 451 -6.61 -1.40 -1.99
C HIS A 451 -6.65 -2.89 -1.65
N ILE A 452 -7.82 -3.47 -1.52
CA ILE A 452 -7.97 -4.94 -1.45
C ILE A 452 -7.86 -5.27 -2.92
N ASP A 453 -6.78 -5.89 -3.33
CA ASP A 453 -6.52 -6.11 -4.74
C ASP A 453 -7.57 -6.93 -5.47
N PHE A 454 -8.16 -7.85 -4.74
CA PHE A 454 -9.19 -8.68 -5.32
C PHE A 454 -10.44 -7.86 -5.61
N HIS A 455 -10.65 -6.79 -4.90
CA HIS A 455 -11.77 -5.94 -5.12
C HIS A 455 -11.50 -5.02 -6.27
N LEU A 456 -10.28 -4.51 -6.36
CA LEU A 456 -9.89 -3.70 -7.47
C LEU A 456 -10.06 -4.52 -8.76
N GLU A 457 -9.70 -5.77 -8.70
CA GLU A 457 -9.83 -6.62 -9.85
C GLU A 457 -11.27 -6.77 -10.27
N ALA A 458 -12.17 -6.63 -9.34
CA ALA A 458 -13.58 -6.72 -9.59
C ALA A 458 -14.21 -5.37 -9.87
N GLY A 459 -13.40 -4.42 -10.27
CA GLY A 459 -13.81 -3.07 -10.64
C GLY A 459 -14.01 -1.93 -9.68
N PHE A 460 -13.61 -2.14 -8.41
CA PHE A 460 -13.79 -1.13 -7.35
C PHE A 460 -12.82 0.05 -7.45
N ALA A 461 -13.02 0.88 -8.45
CA ALA A 461 -12.16 1.99 -8.70
C ALA A 461 -12.72 3.06 -9.62
N VAL A 462 -12.17 4.25 -9.53
CA VAL A 462 -12.42 5.37 -10.42
C VAL A 462 -11.10 6.06 -10.75
N VAL A 463 -11.12 6.92 -11.75
CA VAL A 463 -9.95 7.69 -12.06
C VAL A 463 -10.26 9.18 -11.88
N MET A 464 -9.39 9.87 -11.19
CA MET A 464 -9.51 11.29 -11.00
C MET A 464 -8.64 11.97 -12.05
N ALA A 465 -9.23 12.55 -13.08
CA ALA A 465 -8.48 13.22 -14.11
C ALA A 465 -8.33 14.67 -13.67
N GLU A 466 -7.20 14.95 -13.07
CA GLU A 466 -6.88 16.24 -12.56
C GLU A 466 -6.31 17.21 -13.56
N ASP A 467 -6.98 18.33 -13.74
CA ASP A 467 -6.50 19.42 -14.60
C ASP A 467 -6.11 18.95 -15.97
N ILE A 468 -7.02 18.29 -16.62
CA ILE A 468 -6.81 17.78 -17.93
C ILE A 468 -6.07 18.67 -18.92
N PRO A 469 -6.42 19.92 -19.06
CA PRO A 469 -5.74 20.73 -20.06
C PRO A 469 -4.29 20.96 -19.84
N ASP A 470 -3.79 20.74 -18.64
CA ASP A 470 -2.41 20.96 -18.37
C ASP A 470 -1.60 19.64 -18.28
N VAL A 471 -2.25 18.52 -18.44
CA VAL A 471 -1.58 17.24 -18.31
C VAL A 471 -0.39 17.05 -19.25
N ALA A 472 -0.59 17.30 -20.53
CA ALA A 472 0.49 17.09 -21.45
C ALA A 472 1.70 17.92 -21.22
N ALA A 473 1.51 19.20 -20.97
CA ALA A 473 2.61 20.08 -20.76
C ALA A 473 3.37 19.85 -19.45
N THR A 474 2.67 19.38 -18.44
CA THR A 474 3.26 19.14 -17.14
C THR A 474 3.98 17.79 -17.05
N ASN A 475 3.56 16.83 -17.82
CA ASN A 475 4.11 15.52 -17.79
C ASN A 475 4.75 15.04 -19.11
N PRO A 476 5.87 15.61 -19.51
CA PRO A 476 6.48 15.13 -20.73
C PRO A 476 6.86 13.63 -20.57
N VAL A 477 6.63 12.84 -21.59
CA VAL A 477 6.92 11.42 -21.51
C VAL A 477 8.15 10.97 -22.26
N PRO A 478 8.84 9.99 -21.73
CA PRO A 478 10.01 9.48 -22.40
C PRO A 478 9.65 8.56 -23.61
N GLN A 479 10.52 8.46 -24.57
CA GLN A 479 10.24 7.59 -25.71
C GLN A 479 9.97 6.16 -25.25
N ALA A 480 10.66 5.68 -24.23
CA ALA A 480 10.43 4.33 -23.77
C ALA A 480 9.01 4.13 -23.29
N TRP A 481 8.41 5.17 -22.79
CA TRP A 481 7.02 5.05 -22.35
C TRP A 481 6.12 4.98 -23.54
N SER A 482 6.40 5.80 -24.54
CA SER A 482 5.60 5.80 -25.73
C SER A 482 5.67 4.48 -26.45
N ASP A 483 6.76 3.75 -26.24
CA ASP A 483 6.93 2.47 -26.88
C ASP A 483 6.22 1.32 -26.20
N LEU A 484 5.79 1.50 -24.98
CA LEU A 484 5.16 0.42 -24.27
C LEU A 484 3.89 -0.10 -24.91
N CYS A 485 3.07 0.78 -25.39
CA CYS A 485 1.83 0.38 -25.96
C CYS A 485 1.97 -0.44 -27.22
N PRO A 486 2.75 -0.03 -28.19
CA PRO A 486 2.83 -0.87 -29.35
C PRO A 486 3.46 -2.20 -29.06
N THR A 487 4.42 -2.25 -28.16
CA THR A 487 5.03 -3.51 -27.81
C THR A 487 4.02 -4.45 -27.15
N TYR A 488 3.26 -3.95 -26.21
CA TYR A 488 2.32 -4.79 -25.54
C TYR A 488 1.20 -5.24 -26.44
N ASP A 489 0.71 -4.35 -27.25
CA ASP A 489 -0.38 -4.65 -28.11
C ASP A 489 -0.05 -5.68 -29.18
N ALA A 490 1.23 -5.87 -29.46
CA ALA A 490 1.70 -6.84 -30.44
C ALA A 490 1.88 -8.21 -29.87
N LEU A 491 1.86 -8.36 -28.57
CA LEU A 491 2.02 -9.65 -28.02
C LEU A 491 0.87 -10.61 -28.27
N SER A 492 1.21 -11.87 -28.39
CA SER A 492 0.23 -12.90 -28.45
C SER A 492 -0.46 -12.90 -27.10
N PRO A 493 -1.73 -13.21 -27.02
CA PRO A 493 -2.39 -13.28 -25.73
C PRO A 493 -1.72 -14.24 -24.76
N ASP A 494 -1.07 -15.26 -25.24
CA ASP A 494 -0.38 -16.20 -24.40
C ASP A 494 0.82 -15.59 -23.65
N ASP A 495 1.34 -14.50 -24.16
CA ASP A 495 2.52 -13.88 -23.57
C ASP A 495 2.25 -12.63 -22.74
N GLN A 496 1.01 -12.38 -22.46
N GLN A 496 1.00 -12.38 -22.47
CA GLN A 496 0.66 -11.27 -21.60
CA GLN A 496 0.66 -11.30 -21.57
C GLN A 496 0.91 -11.48 -20.08
C GLN A 496 0.89 -11.65 -20.08
#